data_5HFI
#
_entry.id   5HFI
#
_cell.length_a   39.199
_cell.length_b   39.199
_cell.length_c   236.819
_cell.angle_alpha   90.00
_cell.angle_beta   90.00
_cell.angle_gamma   90.00
#
_symmetry.space_group_name_H-M   'P 41 21 2'
#
loop_
_entity.id
_entity.type
_entity.pdbx_description
1 polymer 'Uncharacterized protein, cytosolic disulfide reductase DsbM'
2 non-polymer GLUTATHIONE
3 water water
#
_entity_poly.entity_id   1
_entity_poly.type   'polypeptide(L)'
_entity_poly.pdbx_seq_one_letter_code
;AMAMNDLTLHYLYDPLCGWCYGASPLLAAACEVTGLDVRLHGGGMMTDANRQPVGAGLRHYVMPHDLRIAQLTGQPFGKD
YFDGLLRDTSAVFDSAPPTAAVLAAEALDGLGAAMLARIQRAHYVEGRRIAERPVLLELGAELGLGEGFAEAFDACSGEP
LRAHFADSRRLMNRLGAAGFPTFALERDGRLQVLDTGRYLGQPDDWRAFLETQLRLAGGSGAVGGAAAPLCRIDGCA
;
_entity_poly.pdbx_strand_id   A
#
# COMPACT_ATOMS: atom_id res chain seq x y z
N LEU A 7 -11.10 -15.17 -11.35
CA LEU A 7 -11.50 -14.24 -10.30
C LEU A 7 -10.31 -13.42 -9.84
N THR A 8 -10.44 -12.10 -9.92
CA THR A 8 -9.34 -11.17 -9.65
C THR A 8 -9.77 -10.14 -8.63
N LEU A 9 -8.94 -9.95 -7.60
CA LEU A 9 -9.17 -8.93 -6.58
C LEU A 9 -8.29 -7.74 -6.88
N HIS A 10 -8.91 -6.60 -7.20
CA HIS A 10 -8.17 -5.38 -7.45
C HIS A 10 -8.09 -4.57 -6.16
N TYR A 11 -6.89 -4.11 -5.84
CA TYR A 11 -6.63 -3.34 -4.61
C TYR A 11 -6.10 -1.96 -5.00
N LEU A 12 -6.91 -0.94 -4.79
CA LEU A 12 -6.51 0.45 -4.95
C LEU A 12 -5.97 0.96 -3.62
N TYR A 13 -4.70 1.37 -3.61
CA TYR A 13 -4.00 1.68 -2.37
C TYR A 13 -3.17 2.94 -2.55
N ASP A 14 -2.65 3.43 -1.43
CA ASP A 14 -1.56 4.39 -1.47
C ASP A 14 -0.65 4.09 -0.27
N PRO A 15 0.66 4.04 -0.47
CA PRO A 15 1.55 3.66 0.63
C PRO A 15 1.51 4.59 1.83
N LEU A 16 1.09 5.85 1.66
CA LEU A 16 1.03 6.80 2.76
C LEU A 16 -0.36 6.97 3.33
N CYS A 17 -1.30 6.11 2.94
CA CYS A 17 -2.65 6.13 3.47
C CYS A 17 -2.71 5.24 4.71
N GLY A 18 -3.04 5.85 5.85
CA GLY A 18 -3.07 5.09 7.10
C GLY A 18 -4.07 3.95 7.06
N TRP A 19 -5.21 4.17 6.42
CA TRP A 19 -6.22 3.11 6.36
C TRP A 19 -5.77 1.96 5.47
N CYS A 20 -4.93 2.23 4.46
CA CYS A 20 -4.34 1.13 3.70
C CYS A 20 -3.44 0.28 4.58
N TYR A 21 -2.66 0.92 5.46
CA TYR A 21 -1.88 0.18 6.44
C TYR A 21 -2.78 -0.61 7.37
N GLY A 22 -3.92 -0.02 7.76
CA GLY A 22 -4.89 -0.76 8.55
C GLY A 22 -5.44 -1.96 7.83
N ALA A 23 -5.46 -1.92 6.49
CA ALA A 23 -5.94 -3.03 5.68
C ALA A 23 -4.83 -3.97 5.23
N SER A 24 -3.58 -3.74 5.67
CA SER A 24 -2.50 -4.64 5.28
CA SER A 24 -2.50 -4.63 5.28
C SER A 24 -2.79 -6.10 5.63
N PRO A 25 -3.38 -6.44 6.77
CA PRO A 25 -3.71 -7.85 6.99
C PRO A 25 -4.75 -8.39 6.01
N LEU A 26 -5.60 -7.53 5.45
CA LEU A 26 -6.56 -7.99 4.46
C LEU A 26 -5.88 -8.32 3.14
N LEU A 27 -4.91 -7.50 2.73
CA LEU A 27 -4.14 -7.83 1.53
C LEU A 27 -3.34 -9.11 1.73
N ALA A 28 -2.73 -9.26 2.91
CA ALA A 28 -1.96 -10.48 3.18
C ALA A 28 -2.85 -11.71 3.17
N ALA A 29 -4.04 -11.62 3.78
CA ALA A 29 -4.95 -12.75 3.78
C ALA A 29 -5.46 -13.06 2.37
N ALA A 30 -5.69 -12.01 1.56
CA ALA A 30 -6.16 -12.23 0.20
C ALA A 30 -5.12 -12.98 -0.64
N CYS A 31 -3.84 -12.67 -0.42
CA CYS A 31 -2.77 -13.33 -1.17
C CYS A 31 -2.59 -14.79 -0.81
N GLU A 32 -3.32 -15.30 0.17
CA GLU A 32 -3.25 -16.70 0.57
C GLU A 32 -4.41 -17.53 0.01
N VAL A 33 -5.35 -16.92 -0.70
CA VAL A 33 -6.51 -17.61 -1.22
C VAL A 33 -6.13 -18.26 -2.54
N THR A 34 -6.12 -19.59 -2.56
CA THR A 34 -5.77 -20.32 -3.78
C THR A 34 -6.82 -20.07 -4.87
N GLY A 35 -6.33 -19.81 -6.09
CA GLY A 35 -7.21 -19.52 -7.21
C GLY A 35 -7.59 -18.07 -7.36
N LEU A 36 -7.21 -17.22 -6.41
CA LEU A 36 -7.53 -15.80 -6.47
C LEU A 36 -6.32 -15.02 -6.92
N ASP A 37 -6.49 -14.21 -7.96
CA ASP A 37 -5.46 -13.30 -8.43
C ASP A 37 -5.66 -11.93 -7.78
N VAL A 38 -4.56 -11.31 -7.34
CA VAL A 38 -4.60 -10.02 -6.66
C VAL A 38 -3.74 -9.04 -7.45
N ARG A 39 -4.35 -7.93 -7.88
CA ARG A 39 -3.68 -6.87 -8.62
C ARG A 39 -3.62 -5.61 -7.77
N LEU A 40 -2.44 -4.98 -7.74
CA LEU A 40 -2.24 -3.75 -6.99
C LEU A 40 -2.36 -2.55 -7.92
N HIS A 41 -3.06 -1.51 -7.45
CA HIS A 41 -3.23 -0.27 -8.20
C HIS A 41 -2.91 0.90 -7.28
N GLY A 42 -1.73 1.50 -7.46
CA GLY A 42 -1.37 2.68 -6.70
C GLY A 42 -2.05 3.91 -7.26
N GLY A 43 -2.73 4.66 -6.39
CA GLY A 43 -3.51 5.80 -6.82
C GLY A 43 -2.81 7.14 -6.79
N GLY A 44 -1.65 7.23 -6.15
CA GLY A 44 -0.92 8.48 -6.08
C GLY A 44 -1.62 9.53 -5.25
N MET A 45 -1.84 9.23 -3.97
CA MET A 45 -2.57 10.15 -3.09
C MET A 45 -1.81 11.45 -2.91
N MET A 46 -0.52 11.37 -2.59
CA MET A 46 0.31 12.54 -2.30
C MET A 46 1.38 12.67 -3.38
N THR A 47 0.99 13.23 -4.52
CA THR A 47 1.93 13.47 -5.62
C THR A 47 1.90 14.95 -6.04
N GLN A 52 3.82 17.15 0.19
CA GLN A 52 3.69 17.67 1.55
C GLN A 52 4.96 17.45 2.36
N PRO A 53 5.57 18.54 2.83
CA PRO A 53 6.64 18.41 3.82
C PRO A 53 6.05 18.14 5.19
N VAL A 54 6.83 17.42 6.01
CA VAL A 54 6.38 17.13 7.36
C VAL A 54 6.50 18.40 8.21
N GLY A 55 5.39 18.79 8.83
CA GLY A 55 5.34 19.99 9.63
C GLY A 55 4.00 20.13 10.30
N ALA A 56 3.53 21.37 10.50
CA ALA A 56 2.23 21.56 11.14
C ALA A 56 1.11 20.98 10.30
N GLY A 57 1.08 21.32 9.00
CA GLY A 57 -0.04 20.90 8.17
C GLY A 57 -0.11 19.40 7.96
N LEU A 58 1.01 18.79 7.56
CA LEU A 58 1.03 17.35 7.34
C LEU A 58 0.68 16.59 8.61
N ARG A 59 1.20 16.95 9.79
CA ARG A 59 0.96 16.21 11.04
C ARG A 59 -0.46 16.26 11.54
N HIS A 60 -1.08 17.42 11.47
CA HIS A 60 -2.48 17.49 11.84
C HIS A 60 -3.35 16.72 10.84
N MET A 63 -2.36 12.04 12.12
CA MET A 63 -2.18 11.29 13.37
C MET A 63 -3.45 10.85 14.11
N PRO A 64 -4.48 11.70 14.25
CA PRO A 64 -5.67 11.25 15.00
C PRO A 64 -6.33 10.04 14.37
N HIS A 65 -6.12 9.83 13.08
CA HIS A 65 -6.51 8.57 12.46
C HIS A 65 -5.68 7.41 12.99
N ASP A 66 -4.36 7.62 13.14
CA ASP A 66 -3.44 6.50 13.36
C ASP A 66 -3.80 5.70 14.60
N LEU A 67 -3.97 6.37 15.75
CA LEU A 67 -4.33 5.61 16.95
C LEU A 67 -5.73 5.01 16.83
N ARG A 68 -6.61 5.64 16.04
CA ARG A 68 -7.91 5.03 15.76
C ARG A 68 -7.76 3.81 14.87
N ILE A 69 -6.85 3.86 13.89
CA ILE A 69 -6.57 2.69 13.08
C ILE A 69 -6.01 1.56 13.94
N ALA A 70 -5.14 1.90 14.90
CA ALA A 70 -4.59 0.88 15.78
C ALA A 70 -5.68 0.24 16.62
N GLN A 71 -6.61 1.05 17.14
CA GLN A 71 -7.71 0.51 17.93
C GLN A 71 -8.58 -0.42 17.10
N LEU A 72 -8.84 -0.06 15.84
CA LEU A 72 -9.76 -0.83 15.02
C LEU A 72 -9.11 -2.08 14.45
N THR A 73 -7.85 -1.98 14.00
CA THR A 73 -7.21 -3.05 13.25
C THR A 73 -6.13 -3.79 14.04
N GLY A 74 -5.69 -3.26 15.18
CA GLY A 74 -4.56 -3.85 15.87
C GLY A 74 -3.22 -3.63 15.21
N GLN A 75 -3.17 -2.83 14.15
CA GLN A 75 -1.92 -2.58 13.46
C GLN A 75 -1.00 -1.73 14.34
N PRO A 76 0.29 -2.05 14.40
CA PRO A 76 1.20 -1.33 15.31
C PRO A 76 1.79 -0.08 14.70
N PHE A 77 2.01 0.90 15.57
CA PHE A 77 2.67 2.15 15.22
C PHE A 77 3.83 2.36 16.18
N GLY A 78 5.01 2.68 15.64
CA GLY A 78 6.22 2.72 16.42
C GLY A 78 6.58 4.11 16.94
N LYS A 79 7.40 4.12 17.99
CA LYS A 79 7.84 5.39 18.58
C LYS A 79 8.69 6.19 17.61
N ASP A 80 9.46 5.51 16.75
CA ASP A 80 10.27 6.24 15.77
C ASP A 80 9.41 6.90 14.70
N TYR A 81 8.15 6.48 14.57
CA TYR A 81 7.20 7.13 13.68
C TYR A 81 6.50 8.29 14.39
N PHE A 82 5.86 8.03 15.53
CA PHE A 82 5.15 9.06 16.27
C PHE A 82 6.08 10.20 16.67
N ASP A 83 7.22 9.87 17.25
CA ASP A 83 8.11 10.86 17.85
C ASP A 83 9.40 11.05 17.07
N GLY A 84 9.51 10.48 15.87
CA GLY A 84 10.69 10.68 15.06
C GLY A 84 10.36 11.21 13.67
N LEU A 85 9.70 10.41 12.86
CA LEU A 85 9.38 10.81 11.50
C LEU A 85 8.38 11.96 11.47
N LEU A 86 7.28 11.81 12.20
CA LEU A 86 6.26 12.86 12.22
C LEU A 86 6.74 14.13 12.88
N ARG A 87 7.91 14.09 13.52
CA ARG A 87 8.53 15.27 14.11
C ARG A 87 9.69 15.80 13.27
N ASP A 88 10.02 15.11 12.17
CA ASP A 88 11.17 15.48 11.33
C ASP A 88 10.72 16.50 10.30
N THR A 89 11.21 17.74 10.44
CA THR A 89 10.81 18.82 9.55
C THR A 89 11.25 18.58 8.11
N SER A 90 12.37 17.89 7.91
CA SER A 90 12.96 17.71 6.58
C SER A 90 12.45 16.47 5.85
N ALA A 91 11.48 15.76 6.41
CA ALA A 91 10.90 14.62 5.72
C ALA A 91 9.78 15.06 4.81
N VAL A 92 9.60 14.33 3.70
CA VAL A 92 8.57 14.64 2.72
C VAL A 92 7.68 13.41 2.54
N PHE A 93 6.36 13.64 2.58
CA PHE A 93 5.40 12.59 2.31
C PHE A 93 5.08 12.63 0.81
N ASP A 94 5.76 11.79 0.05
CA ASP A 94 5.65 11.71 -1.40
C ASP A 94 5.25 10.28 -1.75
N SER A 95 4.07 10.12 -2.36
CA SER A 95 3.58 8.79 -2.66
C SER A 95 4.25 8.17 -3.88
N ALA A 96 4.95 8.98 -4.69
CA ALA A 96 5.47 8.45 -5.95
C ALA A 96 6.64 7.50 -5.75
N PRO A 97 7.68 7.82 -4.99
CA PRO A 97 8.82 6.89 -4.86
C PRO A 97 8.41 5.54 -4.27
N PRO A 98 7.64 5.48 -3.17
CA PRO A 98 7.25 4.16 -2.66
C PRO A 98 6.39 3.39 -3.64
N THR A 99 5.53 4.07 -4.41
CA THR A 99 4.74 3.34 -5.40
C THR A 99 5.63 2.77 -6.49
N ALA A 100 6.63 3.55 -6.95
CA ALA A 100 7.58 3.03 -7.92
C ALA A 100 8.33 1.81 -7.38
N ALA A 101 8.62 1.79 -6.08
CA ALA A 101 9.27 0.63 -5.49
C ALA A 101 8.38 -0.60 -5.55
N VAL A 102 7.07 -0.41 -5.32
CA VAL A 102 6.13 -1.52 -5.43
C VAL A 102 6.08 -2.02 -6.88
N LEU A 103 5.99 -1.09 -7.83
CA LEU A 103 6.01 -1.47 -9.24
C LEU A 103 7.29 -2.23 -9.59
N ALA A 104 8.44 -1.74 -9.11
CA ALA A 104 9.71 -2.39 -9.43
C ALA A 104 9.79 -3.79 -8.81
N ALA A 105 9.35 -3.94 -7.57
CA ALA A 105 9.36 -5.26 -6.94
C ALA A 105 8.45 -6.23 -7.68
N GLU A 106 7.29 -5.75 -8.16
CA GLU A 106 6.40 -6.61 -8.92
C GLU A 106 7.00 -6.96 -10.27
N ALA A 107 7.63 -5.99 -10.93
CA ALA A 107 8.23 -6.25 -12.24
C ALA A 107 9.41 -7.22 -12.14
N LEU A 108 10.25 -7.05 -11.11
CA LEU A 108 11.45 -7.87 -11.00
C LEU A 108 11.13 -9.28 -10.52
N ASP A 109 10.32 -9.39 -9.47
CA ASP A 109 10.21 -10.64 -8.74
C ASP A 109 8.77 -11.00 -8.36
N GLY A 110 7.78 -10.26 -8.86
CA GLY A 110 6.41 -10.50 -8.44
C GLY A 110 6.20 -10.30 -6.96
N LEU A 111 6.95 -9.40 -6.33
CA LEU A 111 6.88 -9.15 -4.90
C LEU A 111 6.26 -7.80 -4.57
N GLY A 112 5.30 -7.36 -5.39
CA GLY A 112 4.68 -6.07 -5.15
C GLY A 112 3.98 -5.99 -3.80
N ALA A 113 3.13 -6.98 -3.51
CA ALA A 113 2.41 -6.97 -2.24
C ALA A 113 3.35 -7.07 -1.05
N ALA A 114 4.38 -7.89 -1.15
CA ALA A 114 5.36 -7.99 -0.06
C ALA A 114 6.13 -6.69 0.11
N MET A 115 6.44 -6.01 -0.99
CA MET A 115 7.17 -4.75 -0.89
C MET A 115 6.30 -3.65 -0.28
N LEU A 116 5.02 -3.61 -0.64
CA LEU A 116 4.11 -2.64 -0.04
C LEU A 116 4.03 -2.83 1.47
N ALA A 117 3.88 -4.09 1.92
CA ALA A 117 3.81 -4.37 3.34
C ALA A 117 5.11 -3.94 4.04
N ARG A 118 6.25 -4.18 3.40
CA ARG A 118 7.53 -3.79 3.99
C ARG A 118 7.68 -2.28 4.04
N ILE A 119 7.24 -1.59 2.98
CA ILE A 119 7.28 -0.13 2.94
C ILE A 119 6.47 0.46 4.09
N GLN A 120 5.26 -0.09 4.30
CA GLN A 120 4.40 0.43 5.36
C GLN A 120 4.99 0.19 6.74
N ARG A 121 5.64 -0.97 6.94
CA ARG A 121 6.33 -1.20 8.20
C ARG A 121 7.49 -0.22 8.38
N ALA A 122 8.25 0.04 7.31
CA ALA A 122 9.36 0.98 7.42
C ALA A 122 8.87 2.37 7.81
N HIS A 123 7.72 2.76 7.33
CA HIS A 123 7.15 4.06 7.62
C HIS A 123 6.49 4.13 9.02
N TYR A 124 5.49 3.25 9.26
CA TYR A 124 4.67 3.36 10.46
C TYR A 124 5.32 2.75 11.70
N VAL A 125 6.17 1.75 11.53
CA VAL A 125 6.83 1.10 12.65
C VAL A 125 8.24 1.65 12.87
N GLU A 126 9.02 1.72 11.80
CA GLU A 126 10.44 2.09 11.90
C GLU A 126 10.69 3.58 11.74
N GLY A 127 9.71 4.34 11.26
CA GLY A 127 9.91 5.77 11.08
C GLY A 127 10.92 6.11 10.01
N ARG A 128 11.07 5.26 9.00
CA ARG A 128 12.00 5.53 7.91
C ARG A 128 11.38 6.51 6.90
N ARG A 129 12.25 7.11 6.09
CA ARG A 129 11.83 8.08 5.08
C ARG A 129 11.64 7.33 3.76
N ILE A 130 10.43 6.80 3.55
CA ILE A 130 10.16 5.96 2.39
C ILE A 130 10.07 6.75 1.09
N ALA A 131 10.15 8.08 1.14
CA ALA A 131 10.23 8.86 -0.08
C ALA A 131 11.65 8.97 -0.62
N GLU A 132 12.64 8.45 0.10
CA GLU A 132 14.03 8.60 -0.30
C GLU A 132 14.53 7.33 -0.96
N ARG A 133 15.26 7.50 -2.05
CA ARG A 133 15.74 6.36 -2.83
C ARG A 133 16.62 5.40 -2.04
N PRO A 134 17.58 5.85 -1.21
CA PRO A 134 18.38 4.86 -0.45
C PRO A 134 17.56 3.99 0.48
N VAL A 135 16.52 4.56 1.10
CA VAL A 135 15.67 3.76 1.98
C VAL A 135 14.95 2.67 1.19
N LEU A 136 14.40 3.02 0.03
CA LEU A 136 13.68 2.04 -0.76
C LEU A 136 14.61 0.97 -1.33
N LEU A 137 15.83 1.37 -1.72
CA LEU A 137 16.81 0.39 -2.17
C LEU A 137 17.22 -0.53 -1.04
N GLU A 138 17.32 0.01 0.18
CA GLU A 138 17.64 -0.81 1.35
C GLU A 138 16.53 -1.83 1.61
N LEU A 139 15.27 -1.41 1.48
CA LEU A 139 14.17 -2.34 1.67
C LEU A 139 14.17 -3.42 0.59
N GLY A 140 14.43 -3.05 -0.66
CA GLY A 140 14.51 -4.04 -1.71
C GLY A 140 15.62 -5.04 -1.47
N ALA A 141 16.76 -4.56 -0.98
CA ALA A 141 17.86 -5.46 -0.67
C ALA A 141 17.55 -6.35 0.53
N GLU A 142 16.72 -5.87 1.46
CA GLU A 142 16.29 -6.72 2.56
C GLU A 142 15.45 -7.88 2.06
N LEU A 143 14.62 -7.65 1.05
CA LEU A 143 13.80 -8.69 0.46
C LEU A 143 14.55 -9.54 -0.57
N GLY A 144 15.85 -9.33 -0.70
CA GLY A 144 16.63 -10.15 -1.62
C GLY A 144 16.51 -9.75 -3.06
N LEU A 145 16.42 -8.45 -3.35
CA LEU A 145 16.38 -7.95 -4.72
C LEU A 145 17.58 -7.07 -5.05
N GLY A 146 18.66 -7.13 -4.25
CA GLY A 146 19.78 -6.21 -4.44
C GLY A 146 20.39 -6.23 -5.83
N GLU A 147 20.25 -7.34 -6.54
CA GLU A 147 20.76 -7.45 -7.91
C GLU A 147 19.65 -7.03 -8.88
N GLY A 148 19.70 -5.79 -9.33
CA GLY A 148 18.79 -5.29 -10.34
C GLY A 148 17.70 -4.37 -9.84
N PHE A 149 17.45 -4.31 -8.53
CA PHE A 149 16.32 -3.50 -8.06
C PHE A 149 16.58 -2.01 -8.27
N ALA A 150 17.84 -1.57 -8.10
CA ALA A 150 18.17 -0.17 -8.30
C ALA A 150 17.78 0.29 -9.70
N GLU A 151 18.15 -0.49 -10.72
CA GLU A 151 17.83 -0.11 -12.09
C GLU A 151 16.34 -0.20 -12.35
N ALA A 152 15.68 -1.24 -11.82
CA ALA A 152 14.23 -1.37 -12.00
C ALA A 152 13.48 -0.24 -11.34
N PHE A 153 13.93 0.18 -10.15
CA PHE A 153 13.26 1.28 -9.45
C PHE A 153 13.41 2.58 -10.22
N ASP A 154 14.61 2.88 -10.72
CA ASP A 154 14.80 4.11 -11.47
C ASP A 154 14.00 4.08 -12.77
N ALA A 155 13.90 2.91 -13.40
CA ALA A 155 13.09 2.80 -14.62
C ALA A 155 11.61 2.97 -14.32
N CYS A 156 11.12 2.34 -13.25
CA CYS A 156 9.70 2.45 -12.92
C CYS A 156 9.31 3.83 -12.47
N SER A 157 10.26 4.64 -11.98
CA SER A 157 9.93 5.96 -11.45
C SER A 157 9.51 6.94 -12.53
N GLY A 158 9.87 6.68 -13.78
CA GLY A 158 9.54 7.61 -14.83
C GLY A 158 8.18 7.38 -15.43
N GLU A 159 8.17 7.10 -16.72
CA GLU A 159 6.91 6.98 -17.45
C GLU A 159 6.06 5.78 -17.02
N PRO A 160 6.62 4.64 -16.61
CA PRO A 160 5.75 3.58 -16.04
C PRO A 160 4.91 4.05 -14.86
N LEU A 161 5.47 4.85 -13.96
CA LEU A 161 4.72 5.28 -12.78
C LEU A 161 3.57 6.21 -13.16
N ARG A 162 3.84 7.11 -14.07
CA ARG A 162 2.86 8.05 -14.53
C ARG A 162 1.69 7.33 -15.16
N ALA A 163 1.96 6.39 -16.00
CA ALA A 163 0.94 5.58 -16.66
C ALA A 163 0.17 4.72 -15.66
N HIS A 164 0.87 4.22 -14.63
CA HIS A 164 0.20 3.45 -13.59
C HIS A 164 -0.78 4.30 -12.80
N PHE A 165 -0.36 5.51 -12.41
CA PHE A 165 -1.25 6.44 -11.71
C PHE A 165 -2.48 6.75 -12.54
N ALA A 166 -2.29 7.06 -13.82
CA ALA A 166 -3.41 7.40 -14.68
C ALA A 166 -4.38 6.23 -14.81
N ASP A 167 -3.83 5.02 -14.96
CA ASP A 167 -4.67 3.82 -15.01
C ASP A 167 -5.45 3.65 -13.72
N SER A 168 -4.80 3.82 -12.57
CA SER A 168 -5.48 3.65 -11.29
C SER A 168 -6.59 4.67 -11.10
N ARG A 169 -6.33 5.93 -11.46
CA ARG A 169 -7.34 6.96 -11.22
C ARG A 169 -8.53 6.81 -12.15
N ARG A 170 -8.33 6.29 -13.35
CA ARG A 170 -9.47 6.01 -14.23
C ARG A 170 -10.30 4.86 -13.70
N LEU A 171 -9.66 3.85 -13.10
CA LEU A 171 -10.40 2.79 -12.44
C LEU A 171 -11.20 3.35 -11.25
N MET A 172 -10.55 4.18 -10.42
CA MET A 172 -11.27 4.81 -9.32
C MET A 172 -12.46 5.62 -9.83
N ASN A 173 -12.27 6.33 -10.94
CA ASN A 173 -13.34 7.16 -11.49
C ASN A 173 -14.51 6.31 -11.96
N ARG A 174 -14.24 5.22 -12.70
CA ARG A 174 -15.32 4.39 -13.21
C ARG A 174 -16.08 3.71 -12.08
N LEU A 175 -15.42 3.47 -10.94
CA LEU A 175 -16.07 2.83 -9.80
C LEU A 175 -16.72 3.82 -8.85
N GLY A 176 -16.60 5.12 -9.11
CA GLY A 176 -17.06 6.11 -8.16
C GLY A 176 -16.31 6.07 -6.84
N ALA A 177 -15.14 5.47 -6.81
CA ALA A 177 -14.40 5.32 -5.56
C ALA A 177 -13.81 6.65 -5.12
N ALA A 178 -14.05 7.02 -3.88
CA ALA A 178 -13.59 8.30 -3.35
C ALA A 178 -12.14 8.24 -2.86
N GLY A 179 -11.65 7.07 -2.46
CA GLY A 179 -10.29 6.99 -1.96
C GLY A 179 -9.80 5.59 -1.66
N PHE A 180 -8.88 5.49 -0.72
CA PHE A 180 -8.22 4.24 -0.37
C PHE A 180 -8.43 3.90 1.09
N PRO A 181 -8.47 2.61 1.44
CA PRO A 181 -8.38 1.43 0.58
C PRO A 181 -9.67 1.18 -0.20
N THR A 182 -9.55 0.60 -1.40
CA THR A 182 -10.71 0.16 -2.16
C THR A 182 -10.39 -1.21 -2.77
N PHE A 183 -11.25 -2.19 -2.49
CA PHE A 183 -11.13 -3.52 -3.06
C PHE A 183 -12.29 -3.77 -4.02
N ALA A 184 -11.98 -4.33 -5.19
CA ALA A 184 -12.99 -4.65 -6.17
C ALA A 184 -12.72 -6.04 -6.73
N LEU A 185 -13.77 -6.86 -6.80
CA LEU A 185 -13.67 -8.23 -7.28
C LEU A 185 -14.13 -8.29 -8.72
N GLU A 186 -13.32 -8.89 -9.59
CA GLU A 186 -13.64 -9.03 -11.01
C GLU A 186 -13.93 -10.49 -11.32
N ARG A 187 -15.10 -10.74 -11.90
CA ARG A 187 -15.50 -12.09 -12.28
C ARG A 187 -15.53 -12.24 -13.80
N ARG A 190 -16.73 -8.45 -15.13
CA ARG A 190 -17.72 -7.85 -14.22
C ARG A 190 -17.06 -7.46 -12.90
N LEU A 191 -17.21 -6.19 -12.52
CA LEU A 191 -16.50 -5.61 -11.38
C LEU A 191 -17.48 -5.28 -10.25
N GLN A 192 -17.13 -5.67 -9.03
CA GLN A 192 -17.96 -5.42 -7.85
C GLN A 192 -17.08 -4.89 -6.73
N VAL A 193 -17.40 -3.70 -6.24
CA VAL A 193 -16.63 -3.10 -5.16
C VAL A 193 -17.08 -3.71 -3.83
N LEU A 194 -16.12 -4.08 -3.00
CA LEU A 194 -16.39 -4.79 -1.75
C LEU A 194 -16.49 -3.84 -0.56
N ASP A 195 -17.12 -4.33 0.51
CA ASP A 195 -17.31 -3.56 1.74
C ASP A 195 -16.08 -3.76 2.61
N THR A 196 -15.04 -2.97 2.33
CA THR A 196 -13.77 -3.12 3.04
C THR A 196 -13.92 -2.75 4.51
N GLY A 197 -14.68 -1.70 4.81
CA GLY A 197 -14.85 -1.29 6.20
C GLY A 197 -15.45 -2.37 7.08
N ARG A 198 -16.27 -3.25 6.48
CA ARG A 198 -16.82 -4.38 7.22
C ARG A 198 -15.73 -5.31 7.73
N TYR A 199 -14.63 -5.43 7.00
CA TYR A 199 -13.63 -6.44 7.29
C TYR A 199 -12.36 -5.88 7.93
N LEU A 200 -12.27 -4.56 8.12
CA LEU A 200 -11.11 -4.00 8.81
C LEU A 200 -10.99 -4.62 10.19
N GLY A 201 -9.80 -5.12 10.50
CA GLY A 201 -9.58 -5.82 11.76
C GLY A 201 -10.10 -7.24 11.79
N GLN A 202 -10.59 -7.77 10.67
CA GLN A 202 -11.14 -9.12 10.60
C GLN A 202 -10.55 -9.87 9.41
N PRO A 203 -9.24 -10.11 9.41
CA PRO A 203 -8.63 -10.79 8.25
C PRO A 203 -9.14 -12.21 8.03
N ASP A 204 -9.49 -12.94 9.10
CA ASP A 204 -10.03 -14.29 8.92
C ASP A 204 -11.41 -14.25 8.28
N ASP A 205 -12.27 -13.31 8.72
CA ASP A 205 -13.55 -13.09 8.04
C ASP A 205 -13.32 -12.77 6.57
N TRP A 206 -12.35 -11.90 6.29
CA TRP A 206 -12.07 -11.48 4.92
C TRP A 206 -11.62 -12.65 4.06
N ARG A 207 -10.71 -13.48 4.57
CA ARG A 207 -10.28 -14.64 3.80
C ARG A 207 -11.45 -15.58 3.51
N ALA A 208 -12.29 -15.84 4.52
CA ALA A 208 -13.44 -16.72 4.32
C ALA A 208 -14.43 -16.11 3.33
N PHE A 209 -14.61 -14.79 3.38
CA PHE A 209 -15.49 -14.14 2.42
C PHE A 209 -14.99 -14.35 1.00
N LEU A 210 -13.69 -14.19 0.77
CA LEU A 210 -13.14 -14.40 -0.57
C LEU A 210 -13.24 -15.87 -0.99
N GLU A 211 -12.99 -16.79 -0.05
CA GLU A 211 -13.23 -18.21 -0.32
C GLU A 211 -14.70 -18.46 -0.65
N THR A 212 -15.61 -17.85 0.12
CA THR A 212 -17.03 -18.06 -0.12
C THR A 212 -17.46 -17.52 -1.48
N GLN A 213 -16.78 -16.46 -1.96
CA GLN A 213 -17.09 -15.94 -3.29
C GLN A 213 -16.69 -16.92 -4.37
N LEU A 214 -15.55 -17.61 -4.19
CA LEU A 214 -15.17 -18.66 -5.13
C LEU A 214 -16.19 -19.79 -5.13
N ARG A 215 -16.74 -20.12 -3.96
CA ARG A 215 -17.72 -21.20 -3.88
C ARG A 215 -19.03 -20.83 -4.56
N LEU A 216 -19.37 -19.55 -4.59
CA LEU A 216 -20.62 -19.10 -5.20
C LEU A 216 -20.41 -18.68 -6.65
#